data_2BZV
#
_entry.id   2BZV
#
_cell.length_a   103.730
_cell.length_b   103.730
_cell.length_c   103.730
_cell.angle_alpha   90.00
_cell.angle_beta   90.00
_cell.angle_gamma   90.00
#
_symmetry.space_group_name_H-M   'I 21 3'
#
loop_
_entity.id
_entity.type
_entity.pdbx_description
1 polymer 'FIBER PROTEIN 2'
2 water water
#
_entity_poly.entity_id   1
_entity_poly.type   'polypeptide(L)'
_entity_poly.pdbx_seq_one_letter_code
;RIAISNSNRTRSVPSLTTIWSISPTPNCSIYETQDANLFLCLTKNGAHVLGTITIKGLKGALREMHDNALSLKLPFDNQG
NLLNCALESSTWRYQETNAVASNALTFMPNSTVYPRNKTAHPGNMLIQISPNITFSVVYNEINSGYAFTFKWSAEPGKPF
HPPTAVFCYITEQGSHHHHHH
;
_entity_poly.pdbx_strand_id   A
#
# COMPACT_ATOMS: atom_id res chain seq x y z
C SER A 15 0.03 -1.48 -20.56
N LEU A 16 0.44 -2.29 -19.57
CA LEU A 16 -0.39 -2.51 -18.39
C LEU A 16 -0.53 -1.21 -17.62
N THR A 17 -1.76 -0.84 -17.31
CA THR A 17 -2.11 0.45 -16.71
CA THR A 17 -2.01 0.44 -16.66
C THR A 17 -2.38 0.37 -15.20
N THR A 18 -2.88 -0.78 -14.74
CA THR A 18 -3.48 -0.87 -13.42
C THR A 18 -2.90 -2.00 -12.59
N ILE A 19 -2.53 -1.70 -11.35
CA ILE A 19 -2.27 -2.73 -10.34
C ILE A 19 -3.27 -2.54 -9.23
N TRP A 20 -3.84 -3.62 -8.70
CA TRP A 20 -4.70 -3.48 -7.53
C TRP A 20 -4.61 -4.69 -6.63
N SER A 21 -5.17 -4.53 -5.43
CA SER A 21 -5.17 -5.59 -4.43
C SER A 21 -6.57 -6.03 -4.07
N ILE A 22 -7.50 -5.98 -5.03
CA ILE A 22 -8.89 -6.29 -4.71
C ILE A 22 -9.02 -7.72 -4.20
N SER A 23 -9.83 -7.89 -3.16
CA SER A 23 -10.04 -9.20 -2.56
C SER A 23 -11.36 -9.21 -1.82
N PRO A 24 -12.22 -10.20 -2.06
CA PRO A 24 -13.46 -10.25 -1.27
C PRO A 24 -13.23 -10.65 0.19
N THR A 25 -12.14 -11.40 0.42
CA THR A 25 -11.77 -11.93 1.73
C THR A 25 -10.59 -11.17 2.32
N PRO A 26 -10.32 -11.32 3.61
CA PRO A 26 -9.22 -10.57 4.21
C PRO A 26 -7.88 -10.90 3.56
N ASN A 27 -7.10 -9.86 3.28
CA ASN A 27 -5.84 -10.01 2.57
C ASN A 27 -4.72 -9.21 3.21
N CYS A 28 -4.90 -8.80 4.47
CA CYS A 28 -3.92 -7.95 5.10
C CYS A 28 -3.84 -8.34 6.57
N SER A 29 -2.63 -8.31 7.13
CA SER A 29 -2.37 -8.74 8.50
C SER A 29 -1.67 -7.62 9.27
N ILE A 30 -2.42 -6.93 10.12
CA ILE A 30 -1.86 -5.79 10.87
C ILE A 30 -1.43 -6.23 12.26
N TYR A 31 -2.35 -6.81 13.04
CA TYR A 31 -2.04 -7.29 14.39
C TYR A 31 -2.07 -8.81 14.47
N GLU A 32 -2.93 -9.42 13.66
CA GLU A 32 -3.02 -10.87 13.58
C GLU A 32 -3.28 -11.25 12.14
N THR A 33 -3.16 -12.53 11.82
CA THR A 33 -3.30 -13.00 10.45
CA THR A 33 -3.25 -12.92 10.43
C THR A 33 -4.65 -12.65 9.85
N GLN A 34 -4.63 -12.00 8.69
CA GLN A 34 -5.84 -11.75 7.91
C GLN A 34 -6.93 -11.05 8.73
N ASP A 35 -6.53 -9.96 9.39
CA ASP A 35 -7.45 -9.19 10.21
C ASP A 35 -7.99 -7.96 9.50
N ALA A 36 -7.57 -7.74 8.24
CA ALA A 36 -7.98 -6.54 7.52
C ALA A 36 -8.13 -6.82 6.03
N ASN A 37 -8.86 -5.92 5.38
CA ASN A 37 -8.94 -5.90 3.93
C ASN A 37 -8.28 -4.64 3.42
N LEU A 38 -7.29 -4.80 2.54
CA LEU A 38 -6.62 -3.67 1.90
C LEU A 38 -7.01 -3.62 0.44
N PHE A 39 -7.56 -2.49 0.03
CA PHE A 39 -7.81 -2.23 -1.39
C PHE A 39 -6.98 -1.04 -1.81
N LEU A 40 -5.88 -1.32 -2.50
CA LEU A 40 -4.99 -0.32 -3.08
C LEU A 40 -5.07 -0.49 -4.59
N CYS A 41 -5.30 0.62 -5.30
CA CYS A 41 -5.38 0.60 -6.75
C CYS A 41 -4.47 1.69 -7.29
N LEU A 42 -3.54 1.31 -8.15
CA LEU A 42 -2.59 2.23 -8.79
C LEU A 42 -2.85 2.23 -10.29
N THR A 43 -3.01 3.42 -10.87
CA THR A 43 -3.12 3.49 -12.34
C THR A 43 -2.06 4.48 -12.85
N LYS A 44 -1.32 4.02 -13.85
CA LYS A 44 -0.19 4.77 -14.41
C LYS A 44 -0.64 5.53 -15.66
N ASN A 45 -0.34 6.83 -15.66
CA ASN A 45 -0.58 7.73 -16.81
C ASN A 45 0.75 8.42 -17.05
N GLY A 46 1.60 7.88 -17.93
CA GLY A 46 2.93 8.45 -18.11
C GLY A 46 3.69 8.43 -16.80
N ALA A 47 4.30 9.56 -16.44
CA ALA A 47 5.11 9.64 -15.24
C ALA A 47 4.31 9.74 -13.96
N HIS A 48 2.97 9.85 -14.03
CA HIS A 48 2.16 9.88 -12.82
C HIS A 48 1.48 8.56 -12.56
N VAL A 49 1.39 8.19 -11.28
CA VAL A 49 0.42 7.21 -10.83
C VAL A 49 -0.62 7.92 -9.94
N LEU A 50 -1.86 7.57 -10.20
CA LEU A 50 -2.99 7.92 -9.35
C LEU A 50 -3.32 6.71 -8.50
N GLY A 51 -3.34 6.90 -7.18
CA GLY A 51 -3.60 5.81 -6.24
C GLY A 51 -4.85 6.07 -5.41
N THR A 52 -5.61 5.01 -5.19
CA THR A 52 -6.59 5.09 -4.15
CA THR A 52 -6.77 4.95 -4.26
C THR A 52 -6.41 3.92 -3.20
N ILE A 53 -6.62 4.24 -1.93
CA ILE A 53 -6.39 3.24 -0.89
C ILE A 53 -7.51 3.27 0.15
N THR A 54 -8.04 2.09 0.41
CA THR A 54 -9.09 1.87 1.43
C THR A 54 -8.66 0.66 2.26
N ILE A 55 -8.63 0.83 3.57
CA ILE A 55 -8.29 -0.27 4.46
C ILE A 55 -9.42 -0.41 5.47
N LYS A 56 -9.82 -1.67 5.70
CA LYS A 56 -10.93 -1.96 6.61
CA LYS A 56 -10.93 -1.94 6.62
CA LYS A 56 -10.94 -1.97 6.59
C LYS A 56 -10.49 -2.99 7.64
N GLY A 57 -10.62 -2.63 8.91
CA GLY A 57 -10.29 -3.57 9.97
C GLY A 57 -11.46 -4.53 10.19
N LEU A 58 -11.16 -5.81 10.35
CA LEU A 58 -12.20 -6.83 10.35
C LEU A 58 -12.26 -7.70 11.61
N LYS A 59 -11.13 -7.85 12.30
CA LYS A 59 -11.01 -8.79 13.41
C LYS A 59 -10.16 -8.20 14.51
N GLY A 60 -10.35 -8.66 15.73
CA GLY A 60 -9.42 -8.33 16.81
C GLY A 60 -9.42 -6.86 17.20
N ALA A 61 -8.25 -6.34 17.55
CA ALA A 61 -8.13 -4.95 18.01
C ALA A 61 -8.52 -3.95 16.94
N LEU A 62 -8.47 -4.36 15.67
CA LEU A 62 -8.93 -3.47 14.59
C LEU A 62 -10.44 -3.17 14.67
N ARG A 63 -11.18 -3.91 15.50
CA ARG A 63 -12.59 -3.58 15.70
C ARG A 63 -12.80 -2.70 16.92
N GLU A 64 -11.77 -2.52 17.74
CA GLU A 64 -11.84 -1.70 18.94
C GLU A 64 -10.43 -1.20 19.27
N MET A 65 -10.03 -0.12 18.60
CA MET A 65 -8.63 0.27 18.61
C MET A 65 -8.14 0.71 19.99
N HIS A 66 -6.88 0.38 20.26
CA HIS A 66 -6.21 0.81 21.48
C HIS A 66 -5.29 2.00 21.12
N ASP A 67 -4.48 1.86 20.06
CA ASP A 67 -3.61 2.95 19.57
C ASP A 67 -4.38 3.98 18.75
N ASN A 68 -3.77 5.15 18.54
CA ASN A 68 -4.46 6.20 17.78
C ASN A 68 -3.81 6.46 16.42
N ALA A 69 -2.98 5.54 15.96
CA ALA A 69 -2.42 5.61 14.61
C ALA A 69 -1.95 4.24 14.21
N LEU A 70 -1.94 4.02 12.90
CA LEU A 70 -1.57 2.72 12.32
C LEU A 70 -0.83 2.99 11.03
N SER A 71 0.21 2.21 10.78
CA SER A 71 0.97 2.33 9.53
CA SER A 71 0.97 2.34 9.53
C SER A 71 0.96 1.03 8.76
N LEU A 72 1.16 1.14 7.45
CA LEU A 72 1.28 -0.01 6.57
C LEU A 72 2.41 0.27 5.60
N LYS A 73 3.40 -0.61 5.56
CA LYS A 73 4.52 -0.47 4.64
C LYS A 73 4.47 -1.55 3.57
N LEU A 74 4.57 -1.12 2.32
CA LEU A 74 4.65 -2.04 1.18
C LEU A 74 6.05 -1.88 0.57
N PRO A 75 6.93 -2.87 0.79
CA PRO A 75 8.28 -2.81 0.27
C PRO A 75 8.41 -3.55 -1.06
N PHE A 76 9.29 -3.04 -1.93
CA PHE A 76 9.52 -3.64 -3.25
C PHE A 76 11.02 -3.79 -3.49
N ASP A 77 11.38 -4.78 -4.29
CA ASP A 77 12.77 -4.89 -4.72
C ASP A 77 13.08 -3.89 -5.84
N ASN A 78 14.33 -3.86 -6.28
CA ASN A 78 14.77 -2.89 -7.28
CA ASN A 78 14.75 -2.88 -7.29
C ASN A 78 14.17 -3.12 -8.66
N GLN A 79 13.46 -4.24 -8.84
CA GLN A 79 12.78 -4.55 -10.10
C GLN A 79 11.28 -4.27 -10.03
N GLY A 80 10.79 -3.82 -8.88
CA GLY A 80 9.36 -3.53 -8.73
C GLY A 80 8.50 -4.69 -8.29
N ASN A 81 9.10 -5.69 -7.64
CA ASN A 81 8.35 -6.82 -7.09
C ASN A 81 8.03 -6.59 -5.63
N LEU A 82 6.78 -6.85 -5.24
CA LEU A 82 6.39 -6.74 -3.84
C LEU A 82 7.11 -7.80 -3.00
N LEU A 83 7.71 -7.35 -1.91
CA LEU A 83 8.40 -8.25 -0.98
C LEU A 83 7.47 -8.59 0.16
N ASN A 84 7.84 -9.62 0.94
CA ASN A 84 7.01 -10.08 2.02
CA ASN A 84 6.99 -10.07 2.04
C ASN A 84 6.61 -8.94 2.96
N CYS A 85 5.32 -8.83 3.24
CA CYS A 85 4.81 -7.72 4.03
C CYS A 85 3.40 -8.06 4.48
N ALA A 86 2.70 -7.07 5.04
CA ALA A 86 1.37 -7.30 5.60
C ALA A 86 0.32 -7.65 4.54
N LEU A 87 0.55 -7.29 3.29
CA LEU A 87 -0.39 -7.57 2.20
C LEU A 87 -0.12 -8.94 1.63
N GLU A 88 -1.18 -9.73 1.47
CA GLU A 88 -1.10 -11.03 0.81
CA GLU A 88 -1.04 -11.02 0.81
C GLU A 88 -0.65 -10.82 -0.64
N SER A 89 0.56 -11.29 -0.99
CA SER A 89 1.09 -10.99 -2.32
CA SER A 89 1.13 -11.05 -2.31
C SER A 89 0.26 -11.60 -3.46
N SER A 90 -0.43 -12.70 -3.21
CA SER A 90 -1.25 -13.29 -4.25
C SER A 90 -2.42 -12.40 -4.66
N THR A 91 -2.74 -11.37 -3.87
CA THR A 91 -3.81 -10.44 -4.24
C THR A 91 -3.28 -9.20 -4.96
N TRP A 92 -1.97 -9.05 -5.08
CA TRP A 92 -1.37 -7.86 -5.72
C TRP A 92 -1.14 -8.19 -7.19
N ARG A 93 -2.09 -7.74 -8.02
CA ARG A 93 -2.22 -8.22 -9.39
C ARG A 93 -2.40 -7.09 -10.38
N TYR A 94 -1.92 -7.31 -11.60
CA TYR A 94 -2.28 -6.46 -12.73
C TYR A 94 -3.76 -6.72 -13.03
N GLN A 95 -4.57 -5.67 -12.96
CA GLN A 95 -5.99 -5.85 -13.16
C GLN A 95 -6.32 -6.38 -14.55
N GLU A 96 -5.62 -5.90 -15.57
CA GLU A 96 -5.99 -6.23 -16.93
C GLU A 96 -5.74 -7.68 -17.30
N THR A 97 -4.69 -8.28 -16.77
CA THR A 97 -4.36 -9.67 -17.08
C THR A 97 -4.69 -10.64 -15.94
N ASN A 98 -4.92 -10.11 -14.75
CA ASN A 98 -5.08 -10.89 -13.53
C ASN A 98 -3.85 -11.73 -13.18
N ALA A 99 -2.68 -11.36 -13.71
CA ALA A 99 -1.42 -11.97 -13.30
C ALA A 99 -0.87 -11.20 -12.11
N VAL A 100 -0.04 -11.85 -11.30
CA VAL A 100 0.60 -11.13 -10.21
C VAL A 100 1.39 -9.95 -10.78
N ALA A 101 1.46 -8.87 -10.00
CA ALA A 101 2.06 -7.62 -10.46
C ALA A 101 3.59 -7.67 -10.32
N SER A 102 4.22 -8.51 -11.12
CA SER A 102 5.66 -8.68 -11.08
C SER A 102 6.35 -7.59 -11.91
N ASN A 103 7.57 -7.28 -11.51
CA ASN A 103 8.48 -6.41 -12.25
C ASN A 103 7.84 -5.08 -12.61
N ALA A 104 7.11 -4.49 -11.67
CA ALA A 104 6.36 -3.26 -11.93
C ALA A 104 7.22 -2.03 -11.68
N LEU A 105 8.41 -2.00 -12.27
CA LEU A 105 9.36 -0.91 -12.02
C LEU A 105 8.77 0.45 -12.34
N THR A 106 8.00 0.56 -13.41
CA THR A 106 7.49 1.87 -13.83
C THR A 106 6.26 2.31 -13.04
N PHE A 107 5.86 1.53 -12.03
CA PHE A 107 4.90 1.98 -11.02
C PHE A 107 5.60 2.37 -9.73
N MET A 108 6.92 2.21 -9.63
CA MET A 108 7.61 2.51 -8.38
C MET A 108 7.81 4.01 -8.21
N PRO A 109 7.81 4.50 -6.97
CA PRO A 109 8.08 5.94 -6.77
C PRO A 109 9.49 6.28 -7.24
N ASN A 110 9.58 7.34 -8.07
CA ASN A 110 10.83 7.75 -8.68
C ASN A 110 11.91 7.99 -7.63
N SER A 111 13.07 7.38 -7.82
CA SER A 111 14.11 7.46 -6.79
C SER A 111 14.98 8.70 -6.89
N THR A 112 14.79 9.51 -7.92
CA THR A 112 15.36 10.86 -7.98
C THR A 112 14.45 11.87 -7.28
N VAL A 113 13.15 11.78 -7.58
CA VAL A 113 12.17 12.68 -6.94
C VAL A 113 12.02 12.33 -5.45
N TYR A 114 12.03 11.03 -5.13
CA TYR A 114 11.89 10.54 -3.76
C TYR A 114 13.09 9.66 -3.42
N PRO A 115 14.24 10.28 -3.13
CA PRO A 115 15.42 9.47 -2.82
C PRO A 115 15.22 8.60 -1.60
N ARG A 116 15.84 7.42 -1.57
CA ARG A 116 15.64 6.53 -0.43
C ARG A 116 16.01 7.22 0.87
N ASN A 117 15.12 7.09 1.84
CA ASN A 117 15.30 7.59 3.20
C ASN A 117 15.31 9.12 3.30
N LYS A 118 14.88 9.82 2.26
CA LYS A 118 14.76 11.29 2.36
C LYS A 118 13.50 11.61 3.15
N THR A 119 13.58 12.62 4.01
CA THR A 119 12.46 13.07 4.82
C THR A 119 11.42 13.67 3.86
N ALA A 120 10.18 13.21 3.94
CA ALA A 120 9.11 13.54 3.00
N ILE A 133 -9.62 12.79 10.78
CA ILE A 133 -8.73 11.66 10.45
C ILE A 133 -7.61 12.11 9.53
N THR A 134 -6.37 11.79 9.89
CA THR A 134 -5.20 12.14 9.07
C THR A 134 -4.74 10.95 8.24
N PHE A 135 -4.15 11.23 7.09
CA PHE A 135 -3.56 10.23 6.21
C PHE A 135 -2.26 10.79 5.68
N SER A 136 -1.24 9.95 5.58
CA SER A 136 -0.04 10.34 4.88
C SER A 136 0.53 9.16 4.12
N VAL A 137 1.30 9.48 3.07
CA VAL A 137 2.08 8.50 2.35
C VAL A 137 3.51 9.03 2.21
N VAL A 138 4.47 8.19 2.57
CA VAL A 138 5.89 8.51 2.37
CA VAL A 138 5.90 8.49 2.48
C VAL A 138 6.47 7.51 1.44
N TYR A 139 7.30 7.99 0.53
CA TYR A 139 7.88 7.18 -0.53
C TYR A 139 9.32 6.80 -0.25
N ASN A 140 9.63 5.54 -0.51
CA ASN A 140 10.99 5.03 -0.50
C ASN A 140 11.72 5.17 0.82
N GLU A 141 10.99 5.01 1.93
CA GLU A 141 11.63 4.95 3.23
C GLU A 141 12.12 3.52 3.44
N ILE A 142 13.23 3.20 2.79
CA ILE A 142 13.72 1.82 2.71
C ILE A 142 15.16 1.90 2.25
N ASN A 143 16.00 0.94 2.63
CA ASN A 143 17.43 1.04 2.30
C ASN A 143 17.76 0.57 0.88
N SER A 144 16.92 -0.29 0.31
CA SER A 144 17.13 -0.88 -1.03
CA SER A 144 17.12 -0.63 -1.09
C SER A 144 15.77 -0.88 -1.72
N GLY A 145 15.73 -0.76 -3.03
CA GLY A 145 14.44 -0.89 -3.73
C GLY A 145 13.54 0.30 -3.49
N TYR A 146 12.26 0.02 -3.28
CA TYR A 146 11.24 1.07 -3.23
C TYR A 146 10.25 0.75 -2.14
N ALA A 147 9.47 1.75 -1.74
CA ALA A 147 8.43 1.47 -0.76
C ALA A 147 7.35 2.53 -0.76
N PHE A 148 6.18 2.13 -0.28
CA PHE A 148 5.17 3.06 0.20
C PHE A 148 4.99 2.83 1.69
N THR A 149 4.91 3.92 2.46
CA THR A 149 4.57 3.82 3.87
C THR A 149 3.35 4.69 4.09
N PHE A 150 2.25 4.03 4.40
CA PHE A 150 0.98 4.71 4.64
C PHE A 150 0.78 4.86 6.14
N LYS A 151 0.19 5.97 6.56
CA LYS A 151 -0.15 6.15 7.97
C LYS A 151 -1.53 6.79 8.08
N TRP A 152 -2.33 6.23 8.97
CA TRP A 152 -3.65 6.78 9.27
C TRP A 152 -3.77 7.05 10.76
N SER A 153 -4.49 8.11 11.11
CA SER A 153 -4.93 8.21 12.50
C SER A 153 -6.06 7.19 12.76
N ALA A 154 -6.30 6.93 14.05
CA ALA A 154 -7.34 6.00 14.47
C ALA A 154 -7.97 6.53 15.74
N GLU A 155 -9.22 6.17 15.98
CA GLU A 155 -9.94 6.61 17.16
C GLU A 155 -9.99 5.48 18.18
N PRO A 156 -9.28 5.61 19.31
CA PRO A 156 -9.38 4.55 20.30
C PRO A 156 -10.82 4.22 20.70
N GLY A 157 -11.06 2.92 20.84
CA GLY A 157 -12.37 2.41 21.21
C GLY A 157 -13.28 2.11 20.04
N LYS A 158 -12.86 2.49 18.83
CA LYS A 158 -13.70 2.29 17.67
C LYS A 158 -13.04 1.39 16.64
N PRO A 159 -13.82 0.83 15.72
CA PRO A 159 -13.21 0.05 14.64
C PRO A 159 -12.32 0.92 13.75
N PHE A 160 -11.28 0.31 13.22
CA PHE A 160 -10.39 0.97 12.28
C PHE A 160 -10.96 0.84 10.88
N HIS A 161 -11.40 1.95 10.32
CA HIS A 161 -11.92 1.97 8.99
CA HIS A 161 -11.97 1.97 8.95
C HIS A 161 -11.94 3.40 8.45
N PRO A 162 -10.74 3.91 8.14
CA PRO A 162 -10.60 5.30 7.71
C PRO A 162 -11.24 5.53 6.35
N PRO A 163 -11.55 6.79 6.03
CA PRO A 163 -12.07 7.11 4.71
C PRO A 163 -11.03 6.76 3.63
N THR A 164 -11.52 6.44 2.45
CA THR A 164 -10.67 6.24 1.29
C THR A 164 -9.82 7.49 1.04
N ALA A 165 -8.57 7.27 0.66
CA ALA A 165 -7.65 8.36 0.32
C ALA A 165 -7.18 8.19 -1.12
N VAL A 166 -7.00 9.32 -1.78
CA VAL A 166 -6.47 9.37 -3.13
C VAL A 166 -5.16 10.14 -3.09
N PHE A 167 -4.15 9.64 -3.78
CA PHE A 167 -2.83 10.25 -3.80
C PHE A 167 -2.23 10.12 -5.20
N CYS A 168 -1.17 10.88 -5.45
CA CYS A 168 -0.56 10.95 -6.78
CA CYS A 168 -0.51 10.70 -6.73
C CYS A 168 0.96 11.06 -6.60
N TYR A 169 1.75 10.31 -7.36
CA TYR A 169 3.21 10.42 -7.26
C TYR A 169 3.84 10.22 -8.64
N ILE A 170 5.12 10.58 -8.72
CA ILE A 170 5.93 10.46 -9.92
C ILE A 170 6.64 9.10 -9.92
N THR A 171 6.60 8.42 -11.06
CA THR A 171 7.15 7.08 -11.14
C THR A 171 8.57 7.04 -11.66
N GLU A 172 9.22 5.93 -11.37
CA GLU A 172 10.50 5.58 -11.95
C GLU A 172 10.32 5.33 -13.44
N GLN A 173 11.36 5.63 -14.21
CA GLN A 173 11.29 5.32 -15.63
CA GLN A 173 11.42 5.42 -15.66
C GLN A 173 12.02 4.01 -15.90
N GLY A 174 11.67 3.37 -17.00
#